data_8Q5C
#
_entry.id   8Q5C
#
_cell.length_a   61.770
_cell.length_b   149.426
_cell.length_c   76.623
_cell.angle_alpha   90.00
_cell.angle_beta   90.00
_cell.angle_gamma   90.00
#
_symmetry.space_group_name_H-M   'C 2 2 2'
#
loop_
_entity.id
_entity.type
_entity.pdbx_description
1 polymer '14-3-3 protein sigma'
2 polymer 'C-RAF peptide pS259'
3 non-polymer 'CHLORIDE ION'
4 non-polymer 'MAGNESIUM ION'
5 non-polymer ~{N}-[[1-(4-chlorophenyl)sulfonylpiperidin-4-yl]methyl]ethanamide
6 water water
#
loop_
_entity_poly.entity_id
_entity_poly.type
_entity_poly.pdbx_seq_one_letter_code
_entity_poly.pdbx_strand_id
1 'polypeptide(L)'
;GAMGSMERASLIQKAKLAEQAERYEDMAAFMKGAVEKGEELSCEERNLLSVAYKNVVGGQRAAWRVLSSIEQKSNEEGSE
EKGPEVREYREKVETELQGVCDTVLGLLDSHLIKEAGDAESRVFYLKMKGDYYRYLAEVATGDDKKRIIDSARSAYQEAM
DISKKEMPPTNPIRLGLALNFSVFHYEIANSPEEAISLAKTTFDEAMADLHTLSEDSYKDSTLIMQLLRDNLTLWT
;
A
2 'polypeptide(L)' QRST(SEP)TPNVH P
#
loop_
_chem_comp.id
_chem_comp.type
_chem_comp.name
_chem_comp.formula
CL non-polymer 'CHLORIDE ION' 'Cl -1'
MG non-polymer 'MAGNESIUM ION' 'Mg 2'
W5T non-polymer ~{N}-[[1-(4-chlorophenyl)sulfonylpiperidin-4-yl]methyl]ethanamide 'C14 H19 Cl N2 O3 S'
#
# COMPACT_ATOMS: atom_id res chain seq x y z
N GLY A 1 4.13 15.74 -18.79
CA GLY A 1 3.33 14.52 -18.77
C GLY A 1 2.23 14.52 -19.82
N ALA A 2 1.76 13.32 -20.15
CA ALA A 2 0.69 13.17 -21.13
C ALA A 2 -0.65 13.73 -20.66
N MET A 3 -0.79 14.02 -19.37
CA MET A 3 -2.02 14.58 -18.81
C MET A 3 -1.91 16.07 -18.52
N GLY A 4 -0.76 16.67 -18.86
CA GLY A 4 -0.53 18.07 -18.50
C GLY A 4 -1.55 19.03 -19.09
N SER A 5 -2.11 18.72 -20.25
CA SER A 5 -3.07 19.63 -20.85
C SER A 5 -4.50 19.45 -20.34
N MET A 6 -4.77 18.43 -19.52
CA MET A 6 -6.13 18.16 -19.09
C MET A 6 -6.42 18.83 -17.75
N GLU A 7 -7.62 19.36 -17.63
CA GLU A 7 -8.02 20.00 -16.39
C GLU A 7 -8.08 18.99 -15.25
N ARG A 8 -7.65 19.41 -14.06
CA ARG A 8 -7.69 18.52 -12.88
C ARG A 8 -9.04 17.85 -12.71
N ALA A 9 -10.14 18.59 -12.87
CA ALA A 9 -11.44 17.99 -12.57
C ALA A 9 -11.80 16.92 -13.60
N SER A 10 -11.42 17.14 -14.86
CA SER A 10 -11.60 16.13 -15.89
C SER A 10 -10.76 14.91 -15.61
N LEU A 11 -9.53 15.12 -15.11
CA LEU A 11 -8.70 13.99 -14.73
C LEU A 11 -9.37 13.16 -13.63
N ILE A 12 -9.89 13.81 -12.58
CA ILE A 12 -10.61 13.08 -11.52
C ILE A 12 -11.79 12.33 -12.10
N GLN A 13 -12.60 13.01 -12.91
CA GLN A 13 -13.77 12.41 -13.54
C GLN A 13 -13.39 11.17 -14.32
N LYS A 14 -12.31 11.26 -15.10
CA LYS A 14 -11.93 10.14 -15.95
C LYS A 14 -11.35 8.99 -15.12
N ALA A 15 -10.66 9.29 -14.02
CA ALA A 15 -10.21 8.20 -13.17
C ALA A 15 -11.39 7.41 -12.62
N LYS A 16 -12.50 8.10 -12.34
CA LYS A 16 -13.70 7.43 -11.84
C LYS A 16 -14.36 6.60 -12.93
N LEU A 17 -14.40 7.10 -14.17
CA LEU A 17 -14.85 6.29 -15.29
C LEU A 17 -13.97 5.06 -15.49
N ALA A 18 -12.65 5.24 -15.42
CA ALA A 18 -11.74 4.11 -15.61
C ALA A 18 -11.93 3.06 -14.51
N GLU A 19 -12.19 3.50 -13.26
CA GLU A 19 -12.47 2.54 -12.20
C GLU A 19 -13.71 1.72 -12.53
N GLN A 20 -14.77 2.40 -12.98
CA GLN A 20 -15.98 1.72 -13.40
C GLN A 20 -15.70 0.72 -14.52
N ALA A 21 -14.82 1.08 -15.44
CA ALA A 21 -14.51 0.22 -16.56
C ALA A 21 -13.45 -0.83 -16.23
N GLU A 22 -12.96 -0.85 -14.99
CA GLU A 22 -11.86 -1.72 -14.58
C GLU A 22 -10.61 -1.51 -15.44
N ARG A 23 -10.37 -0.25 -15.85
CA ARG A 23 -9.17 0.13 -16.60
C ARG A 23 -8.18 0.77 -15.63
N TYR A 24 -7.48 -0.07 -14.87
CA TYR A 24 -6.76 0.48 -13.73
C TYR A 24 -5.45 1.15 -14.11
N GLU A 25 -4.84 0.75 -15.24
CA GLU A 25 -3.69 1.50 -15.75
C GLU A 25 -4.09 2.90 -16.15
N ASP A 26 -5.16 3.03 -16.96
CA ASP A 26 -5.67 4.36 -17.27
C ASP A 26 -5.99 5.12 -15.99
N MET A 27 -6.74 4.47 -15.09
CA MET A 27 -7.09 5.11 -13.82
C MET A 27 -5.87 5.61 -13.09
N ALA A 28 -4.81 4.80 -13.03
CA ALA A 28 -3.58 5.24 -12.39
C ALA A 28 -2.97 6.45 -13.13
N ALA A 29 -3.02 6.43 -14.46
CA ALA A 29 -2.45 7.52 -15.25
C ALA A 29 -3.18 8.82 -15.00
N PHE A 30 -4.52 8.78 -14.97
CA PHE A 30 -5.32 9.95 -14.68
C PHE A 30 -5.01 10.52 -13.30
N MET A 31 -4.85 9.65 -12.31
CA MET A 31 -4.61 10.10 -10.95
C MET A 31 -3.22 10.71 -10.79
N LYS A 32 -2.20 10.09 -11.39
CA LYS A 32 -0.89 10.72 -11.48
C LYS A 32 -1.00 12.13 -12.06
N GLY A 33 -1.70 12.28 -13.18
CA GLY A 33 -1.92 13.60 -13.74
C GLY A 33 -2.59 14.55 -12.76
N ALA A 34 -3.61 14.06 -12.05
CA ALA A 34 -4.25 14.89 -11.04
C ALA A 34 -3.24 15.30 -9.97
N VAL A 35 -2.41 14.35 -9.51
CA VAL A 35 -1.46 14.68 -8.45
C VAL A 35 -0.50 15.76 -8.93
N GLU A 36 -0.12 15.71 -10.21
CA GLU A 36 0.91 16.62 -10.70
C GLU A 36 0.39 18.04 -10.87
N LYS A 37 -0.91 18.28 -10.77
CA LYS A 37 -1.40 19.64 -10.70
C LYS A 37 -0.94 20.36 -9.44
N GLY A 38 -0.43 19.64 -8.44
CA GLY A 38 0.18 20.23 -7.27
C GLY A 38 -0.74 20.59 -6.14
N GLU A 39 -2.02 20.24 -6.23
CA GLU A 39 -2.94 20.51 -5.12
C GLU A 39 -3.17 19.23 -4.31
N GLU A 40 -3.60 19.41 -3.06
CA GLU A 40 -3.78 18.28 -2.16
C GLU A 40 -4.94 17.43 -2.64
N LEU A 41 -4.89 16.14 -2.28
CA LEU A 41 -5.95 15.22 -2.61
C LEU A 41 -6.93 15.12 -1.44
N SER A 42 -8.22 15.12 -1.76
CA SER A 42 -9.23 14.80 -0.76
C SER A 42 -9.18 13.31 -0.39
N CYS A 43 -10.00 12.94 0.59
CA CYS A 43 -10.12 11.52 0.97
C CYS A 43 -10.58 10.65 -0.20
N GLU A 44 -11.62 11.09 -0.93
CA GLU A 44 -12.08 10.30 -2.07
C GLU A 44 -11.01 10.17 -3.14
N GLU A 45 -10.23 11.23 -3.35
CA GLU A 45 -9.19 11.21 -4.38
C GLU A 45 -8.02 10.34 -3.97
N ARG A 46 -7.67 10.37 -2.68
CA ARG A 46 -6.65 9.44 -2.18
C ARG A 46 -7.08 8.00 -2.39
N ASN A 47 -8.37 7.71 -2.20
CA ASN A 47 -8.84 6.34 -2.45
C ASN A 47 -8.70 5.96 -3.92
N LEU A 48 -9.04 6.87 -4.84
CA LEU A 48 -8.86 6.62 -6.26
C LEU A 48 -7.39 6.33 -6.55
N LEU A 49 -6.49 7.16 -6.03
CA LEU A 49 -5.06 6.95 -6.25
C LEU A 49 -4.63 5.59 -5.74
N SER A 50 -5.03 5.27 -4.51
CA SER A 50 -4.67 4.00 -3.88
C SER A 50 -5.22 2.82 -4.66
N VAL A 51 -6.51 2.86 -5.00
CA VAL A 51 -7.14 1.71 -5.67
C VAL A 51 -6.49 1.45 -7.03
N ALA A 52 -6.22 2.52 -7.79
CA ALA A 52 -5.64 2.37 -9.12
C ALA A 52 -4.28 1.71 -9.06
N TYR A 53 -3.35 2.29 -8.28
CA TYR A 53 -1.99 1.77 -8.30
C TYR A 53 -1.89 0.42 -7.62
N LYS A 54 -2.66 0.18 -6.54
CA LYS A 54 -2.66 -1.14 -5.93
C LYS A 54 -3.15 -2.21 -6.90
N ASN A 55 -4.13 -1.87 -7.75
CA ASN A 55 -4.60 -2.82 -8.76
C ASN A 55 -3.52 -3.10 -9.80
N VAL A 56 -2.83 -2.05 -10.25
CA VAL A 56 -1.76 -2.24 -11.22
C VAL A 56 -0.69 -3.14 -10.63
N VAL A 57 -0.13 -2.74 -9.49
CA VAL A 57 1.02 -3.45 -8.94
C VAL A 57 0.60 -4.80 -8.40
N GLY A 58 -0.66 -4.94 -7.97
CA GLY A 58 -1.15 -6.26 -7.57
C GLY A 58 -1.10 -7.28 -8.70
N GLY A 59 -1.53 -6.90 -9.90
CA GLY A 59 -1.43 -7.82 -11.02
C GLY A 59 0.01 -8.15 -11.34
N GLN A 60 0.91 -7.17 -11.16
CA GLN A 60 2.33 -7.39 -11.43
C GLN A 60 2.95 -8.32 -10.40
N ARG A 61 2.64 -8.12 -9.11
CA ARG A 61 3.15 -9.01 -8.07
C ARG A 61 2.67 -10.43 -8.27
N ALA A 62 1.39 -10.61 -8.60
CA ALA A 62 0.85 -11.95 -8.82
C ALA A 62 1.53 -12.62 -10.01
N ALA A 63 1.74 -11.87 -11.09
CA ALA A 63 2.51 -12.40 -12.22
C ALA A 63 3.91 -12.79 -11.80
N TRP A 64 4.59 -11.91 -11.07
CA TRP A 64 5.98 -12.17 -10.67
C TRP A 64 6.07 -13.43 -9.82
N ARG A 65 5.07 -13.66 -8.95
CA ARG A 65 5.11 -14.83 -8.07
C ARG A 65 4.93 -16.13 -8.86
N VAL A 66 4.06 -16.13 -9.87
CA VAL A 66 3.91 -17.30 -10.72
C VAL A 66 5.21 -17.61 -11.44
N LEU A 67 5.85 -16.57 -11.99
CA LEU A 67 7.06 -16.80 -12.77
C LEU A 67 8.22 -17.19 -11.87
N SER A 68 8.30 -16.57 -10.68
CA SER A 68 9.31 -16.94 -9.70
C SER A 68 9.15 -18.39 -9.26
N SER A 69 7.92 -18.80 -9.00
CA SER A 69 7.66 -20.19 -8.62
C SER A 69 8.13 -21.14 -9.72
N ILE A 70 7.79 -20.84 -10.98
CA ILE A 70 8.24 -21.67 -12.09
C ILE A 70 9.75 -21.67 -12.16
N GLU A 71 10.37 -20.50 -11.96
CA GLU A 71 11.82 -20.38 -12.06
C GLU A 71 12.51 -21.26 -11.04
N GLN A 72 12.08 -21.20 -9.77
CA GLN A 72 12.70 -22.02 -8.74
C GLN A 72 12.37 -23.50 -8.91
N LYS A 73 11.15 -23.80 -9.40
CA LYS A 73 10.77 -25.18 -9.64
C LYS A 73 11.65 -25.85 -10.69
N SER A 74 12.30 -25.07 -11.54
CA SER A 74 13.25 -25.60 -12.52
C SER A 74 14.70 -25.28 -12.11
N ASN A 75 14.97 -25.21 -10.82
CA ASN A 75 16.33 -25.01 -10.31
C ASN A 75 16.73 -26.15 -9.37
N GLY A 83 17.26 -23.44 -20.12
CA GLY A 83 17.29 -22.25 -20.96
C GLY A 83 17.01 -20.98 -20.17
N PRO A 84 17.28 -19.82 -20.76
CA PRO A 84 17.16 -18.56 -20.03
C PRO A 84 15.77 -17.93 -20.03
N GLU A 85 14.79 -18.58 -20.67
CA GLU A 85 13.51 -17.93 -20.97
C GLU A 85 12.75 -17.53 -19.70
N VAL A 86 12.64 -18.45 -18.74
CA VAL A 86 11.88 -18.13 -17.52
C VAL A 86 12.54 -16.98 -16.76
N ARG A 87 13.86 -17.03 -16.60
CA ARG A 87 14.53 -15.94 -15.89
C ARG A 87 14.38 -14.62 -16.65
N GLU A 88 14.50 -14.66 -17.98
CA GLU A 88 14.38 -13.44 -18.76
C GLU A 88 12.99 -12.85 -18.60
N TYR A 89 11.95 -13.68 -18.72
CA TYR A 89 10.61 -13.15 -18.64
C TYR A 89 10.30 -12.68 -17.23
N ARG A 90 10.76 -13.41 -16.21
CA ARG A 90 10.59 -12.95 -14.83
C ARG A 90 11.24 -11.58 -14.60
N GLU A 91 12.44 -11.37 -15.15
CA GLU A 91 13.11 -10.08 -14.98
C GLU A 91 12.36 -8.97 -15.72
N LYS A 92 11.70 -9.31 -16.84
CA LYS A 92 10.92 -8.30 -17.55
C LYS A 92 9.74 -7.83 -16.71
N VAL A 93 9.03 -8.77 -16.09
CA VAL A 93 7.92 -8.41 -15.21
C VAL A 93 8.44 -7.67 -13.98
N GLU A 94 9.56 -8.14 -13.43
CA GLU A 94 10.15 -7.52 -12.25
C GLU A 94 10.58 -6.09 -12.53
N THR A 95 11.19 -5.85 -13.69
CA THR A 95 11.58 -4.50 -14.06
C THR A 95 10.36 -3.60 -14.20
N GLU A 96 9.30 -4.10 -14.84
CA GLU A 96 8.05 -3.35 -14.93
C GLU A 96 7.50 -3.00 -13.55
N LEU A 97 7.48 -3.99 -12.65
CA LEU A 97 6.95 -3.77 -11.31
C LEU A 97 7.73 -2.70 -10.57
N GLN A 98 9.07 -2.74 -10.72
CA GLN A 98 9.90 -1.75 -10.05
C GLN A 98 9.63 -0.36 -10.61
N GLY A 99 9.39 -0.27 -11.92
CA GLY A 99 9.08 1.01 -12.53
C GLY A 99 7.79 1.61 -12.01
N VAL A 100 6.78 0.77 -11.74
CA VAL A 100 5.54 1.28 -11.18
C VAL A 100 5.76 1.73 -9.73
N CYS A 101 6.51 0.95 -8.95
CA CYS A 101 6.79 1.35 -7.56
C CYS A 101 7.58 2.65 -7.52
N ASP A 102 8.53 2.84 -8.44
CA ASP A 102 9.29 4.09 -8.48
C ASP A 102 8.40 5.27 -8.82
N THR A 103 7.45 5.05 -9.74
CA THR A 103 6.51 6.11 -10.09
C THR A 103 5.69 6.53 -8.88
N VAL A 104 5.19 5.55 -8.12
CA VAL A 104 4.41 5.88 -6.92
C VAL A 104 5.28 6.60 -5.91
N LEU A 105 6.45 6.04 -5.60
CA LEU A 105 7.32 6.66 -4.61
C LEU A 105 7.76 8.06 -5.03
N GLY A 106 7.95 8.28 -6.34
CA GLY A 106 8.29 9.61 -6.81
C GLY A 106 7.18 10.61 -6.61
N LEU A 107 5.94 10.21 -6.93
CA LEU A 107 4.77 11.05 -6.66
C LEU A 107 4.67 11.39 -5.18
N LEU A 108 4.93 10.40 -4.32
CA LEU A 108 4.84 10.63 -2.89
C LEU A 108 5.86 11.66 -2.44
N ASP A 109 7.09 11.58 -2.96
CA ASP A 109 8.13 12.50 -2.53
C ASP A 109 8.00 13.86 -3.19
N SER A 110 7.78 13.88 -4.50
CA SER A 110 7.68 15.15 -5.20
C SER A 110 6.40 15.91 -4.84
N HIS A 111 5.32 15.19 -4.47
CA HIS A 111 4.09 15.97 -4.40
C HIS A 111 3.27 15.77 -3.14
N LEU A 112 3.16 14.54 -2.64
CA LEU A 112 2.10 14.22 -1.67
C LEU A 112 2.55 14.29 -0.22
N ILE A 113 3.75 13.83 0.10
CA ILE A 113 4.20 13.79 1.48
C ILE A 113 4.64 15.18 1.89
N LYS A 114 4.01 15.74 2.92
CA LYS A 114 4.30 17.09 3.37
C LYS A 114 4.33 17.09 4.90
N GLU A 115 4.84 18.19 5.47
CA GLU A 115 4.86 18.32 6.93
C GLU A 115 3.51 18.79 7.47
N ALA A 116 2.74 19.54 6.67
CA ALA A 116 1.45 20.06 7.08
C ALA A 116 0.31 19.19 6.54
N GLY A 117 -0.92 19.60 6.84
CA GLY A 117 -2.10 18.89 6.40
C GLY A 117 -2.59 17.91 7.44
N ASP A 118 -3.74 17.29 7.13
CA ASP A 118 -4.38 16.26 7.94
C ASP A 118 -3.38 15.28 8.56
N ALA A 119 -3.69 14.78 9.76
CA ALA A 119 -3.05 13.56 10.22
C ALA A 119 -3.45 12.38 9.34
N GLU A 120 -4.73 12.32 8.96
CA GLU A 120 -5.18 11.30 8.01
C GLU A 120 -4.32 11.29 6.76
N SER A 121 -4.17 12.46 6.13
CA SER A 121 -3.43 12.50 4.87
C SER A 121 -1.98 12.12 5.11
N ARG A 122 -1.37 12.62 6.19
CA ARG A 122 0.05 12.36 6.42
C ARG A 122 0.30 10.90 6.74
N VAL A 123 -0.59 10.28 7.53
CA VAL A 123 -0.42 8.85 7.81
C VAL A 123 -0.61 8.04 6.53
N PHE A 124 -1.62 8.40 5.73
CA PHE A 124 -1.91 7.55 4.57
C PHE A 124 -0.75 7.52 3.58
N TYR A 125 -0.09 8.67 3.36
CA TYR A 125 0.99 8.71 2.37
C TYR A 125 2.23 8.00 2.87
N LEU A 126 2.50 8.10 4.18
CA LEU A 126 3.63 7.37 4.75
C LEU A 126 3.39 5.87 4.73
N LYS A 127 2.16 5.44 5.05
CA LYS A 127 1.78 4.05 4.82
C LYS A 127 1.96 3.66 3.36
N MET A 128 1.53 4.52 2.43
CA MET A 128 1.69 4.19 1.03
C MET A 128 3.16 4.09 0.64
N LYS A 129 4.00 4.99 1.17
CA LYS A 129 5.44 4.86 0.94
C LYS A 129 5.97 3.55 1.50
N GLY A 130 5.53 3.17 2.70
CA GLY A 130 5.93 1.89 3.26
C GLY A 130 5.53 0.70 2.40
N ASP A 131 4.29 0.71 1.89
CA ASP A 131 3.82 -0.41 1.07
C ASP A 131 4.69 -0.61 -0.16
N TYR A 132 4.93 0.47 -0.90
CA TYR A 132 5.60 0.33 -2.20
C TYR A 132 7.08 0.07 -2.04
N TYR A 133 7.70 0.52 -0.95
CA TYR A 133 9.03 0.00 -0.65
C TYR A 133 8.96 -1.48 -0.32
N ARG A 134 7.90 -1.91 0.40
CA ARG A 134 7.73 -3.32 0.68
C ARG A 134 7.58 -4.13 -0.61
N TYR A 135 6.89 -3.57 -1.60
CA TYR A 135 6.74 -4.29 -2.86
C TYR A 135 8.09 -4.40 -3.56
N LEU A 136 8.91 -3.36 -3.52
CA LEU A 136 10.28 -3.47 -4.03
C LEU A 136 11.07 -4.49 -3.24
N ALA A 137 10.89 -4.51 -1.92
CA ALA A 137 11.62 -5.44 -1.08
C ALA A 137 11.27 -6.88 -1.42
N GLU A 138 10.04 -7.14 -1.86
CA GLU A 138 9.66 -8.49 -2.27
C GLU A 138 10.51 -9.03 -3.42
N VAL A 139 10.97 -8.18 -4.33
CA VAL A 139 11.73 -8.64 -5.48
C VAL A 139 13.21 -8.22 -5.40
N ALA A 140 13.65 -7.67 -4.28
CA ALA A 140 15.01 -7.15 -4.21
C ALA A 140 15.99 -8.22 -3.73
N THR A 141 17.28 -7.99 -4.04
CA THR A 141 18.36 -8.86 -3.61
C THR A 141 19.57 -8.03 -3.20
N GLY A 142 20.22 -8.45 -2.10
CA GLY A 142 21.61 -8.05 -1.84
C GLY A 142 21.80 -6.60 -1.46
N ASP A 143 22.74 -5.95 -2.14
CA ASP A 143 23.20 -4.61 -1.77
C ASP A 143 22.10 -3.58 -1.90
N ASP A 144 20.91 -4.02 -2.32
CA ASP A 144 19.74 -3.16 -2.37
C ASP A 144 18.64 -3.59 -1.42
N LYS A 145 18.63 -4.87 -1.02
CA LYS A 145 17.51 -5.40 -0.25
C LYS A 145 17.41 -4.74 1.12
N LYS A 146 18.47 -4.83 1.93
CA LYS A 146 18.37 -4.30 3.28
C LYS A 146 18.16 -2.79 3.28
N ARG A 147 18.63 -2.09 2.24
CA ARG A 147 18.38 -0.66 2.15
C ARG A 147 16.92 -0.36 1.85
N ILE A 148 16.28 -1.21 1.05
CA ILE A 148 14.86 -1.05 0.77
C ILE A 148 14.06 -1.39 2.00
N ILE A 149 14.45 -2.45 2.72
CA ILE A 149 13.75 -2.87 3.93
C ILE A 149 13.75 -1.76 4.96
N ASP A 150 14.86 -1.02 5.07
CA ASP A 150 14.93 0.04 6.08
C ASP A 150 14.12 1.26 5.67
N SER A 151 14.06 1.59 4.37
CA SER A 151 13.19 2.68 3.97
C SER A 151 11.73 2.33 4.22
N ALA A 152 11.36 1.05 4.05
CA ALA A 152 10.00 0.62 4.36
C ALA A 152 9.72 0.75 5.85
N ARG A 153 10.55 0.11 6.68
CA ARG A 153 10.40 0.20 8.13
C ARG A 153 10.33 1.63 8.59
N SER A 154 11.21 2.49 8.06
CA SER A 154 11.27 3.88 8.51
C SER A 154 9.97 4.62 8.19
N ALA A 155 9.40 4.39 7.01
CA ALA A 155 8.17 5.08 6.63
C ALA A 155 6.99 4.57 7.44
N TYR A 156 6.87 3.26 7.61
CA TYR A 156 5.82 2.69 8.45
C TYR A 156 5.90 3.22 9.87
N GLN A 157 7.12 3.31 10.41
CA GLN A 157 7.29 3.71 11.80
C GLN A 157 6.84 5.14 12.01
N GLU A 158 7.22 6.05 11.11
CA GLU A 158 6.76 7.43 11.23
C GLU A 158 5.24 7.49 11.17
N ALA A 159 4.62 6.71 10.27
CA ALA A 159 3.18 6.72 10.16
C ALA A 159 2.54 6.19 11.43
N MET A 160 3.19 5.21 12.06
CA MET A 160 2.67 4.63 13.29
C MET A 160 2.71 5.64 14.43
N ASP A 161 3.83 6.35 14.59
CA ASP A 161 3.95 7.37 15.64
C ASP A 161 2.84 8.41 15.52
N ILE A 162 2.64 8.95 14.31
CA ILE A 162 1.60 9.95 14.07
C ILE A 162 0.22 9.38 14.36
N SER A 163 -0.06 8.16 13.87
CA SER A 163 -1.40 7.59 14.03
C SER A 163 -1.72 7.31 15.50
N LYS A 164 -0.76 6.82 16.27
CA LYS A 164 -0.98 6.61 17.70
C LYS A 164 -1.27 7.92 18.42
N LYS A 165 -0.61 9.00 18.01
CA LYS A 165 -0.79 10.29 18.65
C LYS A 165 -2.11 10.97 18.25
N GLU A 166 -2.52 10.83 16.99
CA GLU A 166 -3.51 11.72 16.42
C GLU A 166 -4.78 11.04 15.90
N MET A 167 -4.87 9.72 15.92
CA MET A 167 -6.05 8.99 15.45
C MET A 167 -6.59 8.04 16.50
N PRO A 168 -7.91 7.87 16.56
CA PRO A 168 -8.47 6.83 17.42
C PRO A 168 -8.00 5.45 16.96
N PRO A 169 -7.98 4.49 17.87
CA PRO A 169 -7.46 3.18 17.53
C PRO A 169 -8.34 2.36 16.58
N THR A 170 -9.56 2.80 16.25
CA THR A 170 -10.37 2.15 15.22
C THR A 170 -10.30 2.85 13.86
N ASN A 171 -9.59 3.96 13.75
CA ASN A 171 -9.48 4.66 12.46
C ASN A 171 -8.99 3.71 11.37
N PRO A 172 -9.62 3.69 10.19
CA PRO A 172 -9.23 2.70 9.16
C PRO A 172 -7.81 2.87 8.64
N ILE A 173 -7.34 4.11 8.47
CA ILE A 173 -5.95 4.31 8.05
C ILE A 173 -5.01 3.76 9.11
N ARG A 174 -5.29 4.08 10.38
CA ARG A 174 -4.47 3.56 11.47
C ARG A 174 -4.47 2.03 11.48
N LEU A 175 -5.66 1.43 11.37
CA LEU A 175 -5.74 -0.03 11.33
C LEU A 175 -5.03 -0.59 10.08
N GLY A 176 -5.35 -0.05 8.90
CA GLY A 176 -4.75 -0.61 7.69
C GLY A 176 -3.24 -0.50 7.72
N LEU A 177 -2.73 0.65 8.18
CA LEU A 177 -1.30 0.81 8.38
C LEU A 177 -0.74 -0.28 9.29
N ALA A 178 -1.38 -0.50 10.45
CA ALA A 178 -0.90 -1.50 11.41
C ALA A 178 -0.95 -2.91 10.81
N LEU A 179 -2.04 -3.25 10.12
CA LEU A 179 -2.08 -4.50 9.38
C LEU A 179 -0.89 -4.63 8.43
N ASN A 180 -0.60 -3.57 7.67
CA ASN A 180 0.43 -3.69 6.64
C ASN A 180 1.83 -3.68 7.22
N PHE A 181 2.04 -2.96 8.33
CA PHE A 181 3.31 -3.05 9.03
C PHE A 181 3.52 -4.46 9.58
N SER A 182 2.46 -5.08 10.09
CA SER A 182 2.62 -6.42 10.65
C SER A 182 2.90 -7.43 9.54
N VAL A 183 2.32 -7.24 8.36
CA VAL A 183 2.69 -8.06 7.20
C VAL A 183 4.15 -7.83 6.83
N PHE A 184 4.60 -6.56 6.84
CA PHE A 184 6.01 -6.27 6.66
C PHE A 184 6.87 -7.07 7.64
N HIS A 185 6.52 -7.01 8.93
CA HIS A 185 7.30 -7.74 9.95
C HIS A 185 7.38 -9.23 9.62
N TYR A 186 6.24 -9.84 9.25
CA TYR A 186 6.19 -11.29 9.15
C TYR A 186 6.82 -11.80 7.85
N GLU A 187 6.65 -11.08 6.74
CA GLU A 187 7.07 -11.55 5.42
C GLU A 187 8.39 -10.93 4.94
N ILE A 188 8.65 -9.67 5.25
CA ILE A 188 9.83 -8.97 4.74
C ILE A 188 10.95 -8.94 5.76
N ALA A 189 10.64 -8.67 7.03
CA ALA A 189 11.67 -8.56 8.06
C ALA A 189 11.94 -9.89 8.75
N ASN A 190 11.09 -10.89 8.54
CA ASN A 190 11.16 -12.16 9.24
C ASN A 190 11.29 -11.94 10.76
N SER A 191 10.27 -11.28 11.30
CA SER A 191 10.14 -11.06 12.74
C SER A 191 8.75 -11.51 13.14
N PRO A 192 8.51 -12.83 13.14
CA PRO A 192 7.15 -13.32 13.42
C PRO A 192 6.62 -12.83 14.76
N GLU A 193 7.49 -12.65 15.76
CA GLU A 193 7.04 -12.18 17.06
C GLU A 193 6.54 -10.75 16.97
N GLU A 194 7.33 -9.87 16.34
CA GLU A 194 6.91 -8.48 16.18
C GLU A 194 5.59 -8.39 15.44
N ALA A 195 5.42 -9.24 14.41
CA ALA A 195 4.18 -9.25 13.65
C ALA A 195 3.00 -9.63 14.52
N ILE A 196 3.09 -10.76 15.23
CA ILE A 196 2.00 -11.18 16.09
C ILE A 196 1.75 -10.16 17.20
N SER A 197 2.81 -9.57 17.72
CA SER A 197 2.65 -8.62 18.82
C SER A 197 2.00 -7.32 18.33
N LEU A 198 2.36 -6.85 17.14
CA LEU A 198 1.72 -5.64 16.62
C LEU A 198 0.26 -5.91 16.25
N ALA A 199 0.02 -7.03 15.56
CA ALA A 199 -1.34 -7.32 15.13
C ALA A 199 -2.27 -7.50 16.32
N LYS A 200 -1.81 -8.25 17.33
CA LYS A 200 -2.68 -8.51 18.49
C LYS A 200 -2.96 -7.23 19.26
N THR A 201 -1.94 -6.41 19.50
CA THR A 201 -2.15 -5.13 20.17
C THR A 201 -3.13 -4.28 19.39
N THR A 202 -2.93 -4.18 18.07
CA THR A 202 -3.81 -3.36 17.24
C THR A 202 -5.25 -3.83 17.33
N PHE A 203 -5.47 -5.13 17.25
CA PHE A 203 -6.83 -5.65 17.34
C PHE A 203 -7.40 -5.42 18.75
N ASP A 204 -6.60 -5.69 19.79
CA ASP A 204 -7.11 -5.56 21.15
C ASP A 204 -7.42 -4.11 21.51
N GLU A 205 -6.53 -3.20 21.13
CA GLU A 205 -6.81 -1.78 21.37
C GLU A 205 -8.01 -1.30 20.56
N ALA A 206 -8.22 -1.85 19.36
CA ALA A 206 -9.39 -1.49 18.58
C ALA A 206 -10.68 -1.90 19.31
N MET A 207 -10.73 -3.13 19.85
CA MET A 207 -11.92 -3.58 20.56
C MET A 207 -12.10 -2.81 21.85
N ALA A 208 -11.00 -2.55 22.58
CA ALA A 208 -11.11 -1.80 23.83
C ALA A 208 -11.72 -0.42 23.61
N ASP A 209 -11.38 0.24 22.51
CA ASP A 209 -12.00 1.53 22.21
C ASP A 209 -12.96 1.36 21.02
N LEU A 210 -13.78 0.31 21.05
CA LEU A 210 -14.68 0.05 19.94
C LEU A 210 -15.64 1.19 19.71
N HIS A 211 -16.03 1.90 20.78
CA HIS A 211 -16.92 3.05 20.70
C HIS A 211 -16.43 4.16 19.78
N THR A 212 -15.16 4.18 19.38
CA THR A 212 -14.65 5.24 18.50
C THR A 212 -14.92 4.98 17.01
N LEU A 213 -15.69 3.95 16.67
CA LEU A 213 -16.00 3.71 15.27
C LEU A 213 -16.73 4.91 14.69
N SER A 214 -16.38 5.26 13.45
CA SER A 214 -17.01 6.38 12.77
C SER A 214 -18.17 5.92 11.90
N GLU A 215 -19.24 6.71 11.91
CA GLU A 215 -20.43 6.46 11.09
C GLU A 215 -20.09 6.25 9.63
N ASP A 216 -19.08 6.93 9.12
CA ASP A 216 -18.81 6.89 7.70
C ASP A 216 -17.67 5.97 7.31
N SER A 217 -17.07 5.26 8.28
CA SER A 217 -15.99 4.34 7.92
C SER A 217 -15.98 3.04 8.72
N TYR A 218 -17.04 2.73 9.49
CA TYR A 218 -16.99 1.58 10.40
C TYR A 218 -16.91 0.26 9.64
N LYS A 219 -17.52 0.17 8.46
CA LYS A 219 -17.37 -1.05 7.64
C LYS A 219 -15.90 -1.28 7.28
N ASP A 220 -15.17 -0.22 6.94
CA ASP A 220 -13.73 -0.35 6.66
C ASP A 220 -12.98 -0.81 7.90
N SER A 221 -13.30 -0.21 9.05
CA SER A 221 -12.63 -0.56 10.29
C SER A 221 -12.82 -2.02 10.65
N THR A 222 -14.08 -2.49 10.63
CA THR A 222 -14.34 -3.84 11.09
C THR A 222 -13.79 -4.87 10.11
N LEU A 223 -13.71 -4.51 8.82
CA LEU A 223 -13.01 -5.38 7.87
C LEU A 223 -11.55 -5.57 8.24
N ILE A 224 -10.83 -4.47 8.52
CA ILE A 224 -9.41 -4.60 8.86
C ILE A 224 -9.23 -5.38 10.17
N MET A 225 -10.11 -5.16 11.14
CA MET A 225 -10.00 -5.90 12.39
C MET A 225 -10.09 -7.40 12.15
N GLN A 226 -11.03 -7.84 11.30
CA GLN A 226 -11.14 -9.25 10.92
C GLN A 226 -9.88 -9.75 10.21
N LEU A 227 -9.31 -8.93 9.32
CA LEU A 227 -8.09 -9.35 8.63
C LEU A 227 -6.92 -9.48 9.60
N LEU A 228 -6.86 -8.60 10.61
CA LEU A 228 -5.90 -8.79 11.70
C LEU A 228 -6.09 -10.16 12.37
N ARG A 229 -7.34 -10.52 12.68
CA ARG A 229 -7.58 -11.82 13.30
C ARG A 229 -7.29 -12.96 12.33
N ASP A 230 -7.53 -12.78 11.04
CA ASP A 230 -7.16 -13.80 10.06
C ASP A 230 -5.65 -14.04 10.10
N ASN A 231 -4.85 -12.97 10.07
CA ASN A 231 -3.40 -13.14 10.09
C ASN A 231 -2.94 -13.82 11.37
N LEU A 232 -3.52 -13.44 12.51
CA LEU A 232 -3.12 -14.06 13.78
C LEU A 232 -3.43 -15.55 13.79
N THR A 233 -4.60 -15.95 13.30
CA THR A 233 -4.92 -17.37 13.15
C THR A 233 -3.91 -18.09 12.27
N LEU A 234 -3.60 -17.49 11.12
CA LEU A 234 -2.58 -18.06 10.24
C LEU A 234 -1.26 -18.21 10.98
N TRP A 235 -0.81 -17.14 11.64
CA TRP A 235 0.49 -17.10 12.29
C TRP A 235 0.56 -17.89 13.59
N THR A 236 -0.56 -18.40 14.09
CA THR A 236 -0.55 -19.25 15.28
C THR A 236 -1.20 -20.58 14.96
N GLN B 1 -2.28 -20.12 1.67
CA GLN B 1 -2.50 -18.76 2.14
C GLN B 1 -1.21 -18.09 2.58
N ARG B 2 -0.98 -16.87 2.08
CA ARG B 2 0.02 -15.96 2.61
C ARG B 2 -0.66 -14.88 3.45
N SER B 3 0.15 -13.97 4.01
CA SER B 3 -0.39 -12.93 4.87
C SER B 3 -1.28 -11.99 4.08
N THR B 4 -2.37 -11.56 4.73
CA THR B 4 -3.30 -10.63 4.09
C THR B 4 -2.99 -9.17 4.46
N SEP B 5 -2.85 -8.32 3.46
CA SEP B 5 -2.63 -6.90 3.68
CB SEP B 5 -1.48 -6.37 2.80
OG SEP B 5 -1.85 -6.50 1.43
C SEP B 5 -3.90 -6.14 3.40
O SEP B 5 -4.94 -6.73 3.08
P SEP B 5 -0.70 -6.17 0.38
O1P SEP B 5 -0.31 -4.61 0.45
O2P SEP B 5 0.60 -7.06 0.65
O3P SEP B 5 -1.28 -6.48 -1.08
N THR B 6 -3.84 -4.83 3.51
CA THR B 6 -5.00 -3.99 3.29
C THR B 6 -5.58 -4.19 1.88
N PRO B 7 -6.89 -4.44 1.78
CA PRO B 7 -7.51 -4.60 0.46
C PRO B 7 -7.94 -3.25 -0.11
N ASN B 8 -8.43 -3.31 -1.35
CA ASN B 8 -9.05 -2.17 -2.02
C ASN B 8 -10.54 -2.13 -1.70
N VAL B 9 -11.05 -0.96 -1.30
CA VAL B 9 -12.47 -0.83 -1.05
C VAL B 9 -12.97 0.43 -1.74
N HIS B 10 -14.27 0.45 -2.06
CA HIS B 10 -14.94 1.44 -2.93
C HIS B 10 -14.14 1.83 -4.16
CL CL C . 11.27 -11.52 -21.94
MG MG D . 15.56 -6.74 -11.84
MG MG E . -8.22 23.08 -13.77
MG MG F . 11.80 -18.82 21.15
C4 W5T G . -8.00 5.97 2.05
C14 W5T G . -8.07 5.57 3.52
C5 W5T G . -7.83 4.75 1.14
C6 W5T G . -6.66 3.90 1.57
C11 W5T G . -9.03 0.11 5.19
C7 W5T G . -7.38 1.11 3.76
C8 W5T G . -7.96 0.52 2.66
C9 W5T G . -9.04 -0.33 2.83
C10 W5T G . -9.56 -0.52 4.09
C12 W5T G . -7.94 0.94 5.02
C13 W5T G . -6.90 4.70 3.92
N1 W5T G . -8.48 8.06 2.07
N2 W5T G . -6.81 3.55 2.99
C3 W5T G . -9.18 6.85 1.69
C1 W5T G . -8.85 8.92 3.01
C2 W5T G . -10.30 9.20 3.41
O1 W5T G . -8.00 9.67 3.51
O2 W5T G . -5.48 2.55 4.81
O3 W5T G . -5.21 1.73 2.49
S1 W5T G . -6.04 2.22 3.54
CL2 W5T G . -10.93 -1.59 4.28
MG MG H . -13.52 0.13 26.14
#